data_5A3C
#
_entry.id   5A3C
#
_cell.length_a   33.880
_cell.length_b   41.480
_cell.length_c   51.260
_cell.angle_alpha   99.55
_cell.angle_beta   93.61
_cell.angle_gamma   92.98
#
_symmetry.space_group_name_H-M   'P 1'
#
loop_
_entity.id
_entity.type
_entity.pdbx_description
1 polymer 'SIR2 FAMILY PROTEIN'
2 non-polymer GLYCINE
3 non-polymer 'ZINC ION'
4 non-polymer NICOTINAMIDE-ADENINE-DINUCLEOTIDE
5 non-polymer 1,2-ETHANEDIOL
6 water water
#
_entity_poly.entity_id   1
_entity_poly.type   'polypeptide(L)'
_entity_poly.pdbx_seq_one_letter_code
;MGHHHHHHGGMSNWTTYPQKNLTQAEQLAQLIKEADALVVGIGAGMSAADGFTYIGPRFETAFPDFIAKYQFLDMLQASL
FDFEDWQEYWAFQSRFVALNYLDQPVGQSYLDLKEILETKDYHIITTNADNAFWVAGYDPHNIFHIQGEYGLWQCSQHCH
QQTYKDDTVIRQMIAEQKNMKVPGQLIPHCPECEAPFEINKRNEEKGMVEDADFHAQKARYEAFLSEHKEGKVLYLEIGV
GHTTPQFIKHPFWKRVSENPNALFVTLNHKHYRIPLSIRRQSLELTEHIAQLISATKTIYQKS
;
_entity_poly.pdbx_strand_id   A
#
loop_
_chem_comp.id
_chem_comp.type
_chem_comp.name
_chem_comp.formula
EDO non-polymer 1,2-ETHANEDIOL 'C2 H6 O2'
NAD non-polymer NICOTINAMIDE-ADENINE-DINUCLEOTIDE 'C21 H27 N7 O14 P2'
ZN non-polymer 'ZINC ION' 'Zn 2'
#
# COMPACT_ATOMS: atom_id res chain seq x y z
N ASN A 13 13.10 -8.89 -27.41
CA ASN A 13 11.77 -8.69 -26.75
C ASN A 13 11.88 -8.63 -25.21
N TRP A 14 12.24 -9.76 -24.57
CA TRP A 14 12.44 -9.82 -23.11
C TRP A 14 13.83 -9.35 -22.76
N THR A 15 13.91 -8.07 -22.42
CA THR A 15 15.18 -7.39 -22.27
C THR A 15 14.91 -6.10 -21.53
N THR A 16 15.94 -5.57 -20.88
CA THR A 16 15.86 -4.26 -20.24
C THR A 16 16.86 -3.30 -20.87
N ASN A 21 13.75 2.02 -30.49
CA ASN A 21 13.84 2.85 -29.30
C ASN A 21 12.46 3.43 -28.95
N LEU A 22 11.94 3.01 -27.80
CA LEU A 22 10.52 3.10 -27.51
C LEU A 22 10.23 4.11 -26.42
N THR A 23 8.99 4.57 -26.34
CA THR A 23 8.56 5.35 -25.20
C THR A 23 8.52 4.46 -23.95
N GLN A 24 8.48 5.07 -22.80
CA GLN A 24 8.38 4.32 -21.55
C GLN A 24 7.13 3.44 -21.56
N ALA A 25 6.00 4.01 -21.98
CA ALA A 25 4.74 3.29 -22.05
C ALA A 25 4.79 2.13 -23.03
N GLU A 26 5.45 2.34 -24.17
CA GLU A 26 5.60 1.29 -25.17
C GLU A 26 6.43 0.16 -24.57
N GLN A 27 7.55 0.51 -23.96
CA GLN A 27 8.41 -0.49 -23.35
C GLN A 27 7.70 -1.33 -22.29
N LEU A 28 6.94 -0.65 -21.43
CA LEU A 28 6.22 -1.32 -20.36
C LEU A 28 5.14 -2.25 -20.92
N ALA A 29 4.39 -1.76 -21.90
CA ALA A 29 3.34 -2.55 -22.57
C ALA A 29 3.89 -3.83 -23.17
N GLN A 30 5.01 -3.74 -23.86
CA GLN A 30 5.63 -4.92 -24.47
C GLN A 30 6.06 -5.93 -23.43
N LEU A 31 6.68 -5.46 -22.35
CA LEU A 31 7.14 -6.34 -21.28
C LEU A 31 5.97 -7.05 -20.60
N ILE A 32 4.91 -6.32 -20.31
CA ILE A 32 3.76 -6.93 -19.70
C ILE A 32 3.19 -8.01 -20.63
N LYS A 33 3.06 -7.71 -21.91
N LYS A 33 3.04 -7.68 -21.91
CA LYS A 33 2.53 -8.68 -22.88
CA LYS A 33 2.59 -8.62 -22.95
C LYS A 33 3.37 -9.95 -22.91
C LYS A 33 3.37 -9.92 -22.90
N GLU A 34 4.69 -9.78 -22.87
CA GLU A 34 5.61 -10.91 -22.96
C GLU A 34 5.69 -11.76 -21.70
N ALA A 35 5.47 -11.16 -20.54
CA ALA A 35 5.72 -11.85 -19.26
C ALA A 35 4.86 -13.11 -19.07
N ASP A 36 5.46 -14.16 -18.51
CA ASP A 36 4.73 -15.36 -18.10
C ASP A 36 3.82 -15.06 -16.92
N ALA A 37 4.29 -14.20 -16.02
CA ALA A 37 3.56 -13.86 -14.82
C ALA A 37 4.04 -12.52 -14.25
N LEU A 38 3.17 -11.87 -13.51
CA LEU A 38 3.50 -10.60 -12.87
C LEU A 38 3.41 -10.70 -11.35
N VAL A 39 4.48 -10.31 -10.65
CA VAL A 39 4.42 -10.05 -9.23
C VAL A 39 4.43 -8.52 -9.07
N VAL A 40 3.34 -7.95 -8.60
CA VAL A 40 3.23 -6.50 -8.58
C VAL A 40 3.27 -5.99 -7.15
N GLY A 41 4.26 -5.13 -6.89
CA GLY A 41 4.44 -4.49 -5.58
C GLY A 41 4.01 -3.04 -5.65
N ILE A 42 3.08 -2.64 -4.79
CA ILE A 42 2.50 -1.30 -4.87
C ILE A 42 2.73 -0.57 -3.57
N GLY A 43 3.31 0.63 -3.70
CA GLY A 43 3.59 1.47 -2.57
C GLY A 43 2.86 2.80 -2.65
N ALA A 44 3.21 3.69 -1.73
CA ALA A 44 2.47 4.93 -1.52
C ALA A 44 2.46 5.83 -2.75
N GLY A 45 3.46 5.71 -3.60
CA GLY A 45 3.54 6.52 -4.84
C GLY A 45 2.34 6.36 -5.76
N MET A 46 1.80 5.16 -5.83
CA MET A 46 0.65 4.93 -6.70
CA MET A 46 0.63 4.86 -6.66
C MET A 46 -0.60 5.67 -6.19
N SER A 47 -0.83 5.68 -4.89
CA SER A 47 -1.94 6.44 -4.33
C SER A 47 -1.70 7.97 -4.41
N ALA A 48 -0.46 8.40 -4.19
CA ALA A 48 -0.09 9.81 -4.32
C ALA A 48 -0.24 10.33 -5.74
N ALA A 49 0.05 9.47 -6.73
CA ALA A 49 -0.13 9.79 -8.14
C ALA A 49 -1.58 10.03 -8.53
N ASP A 50 -2.52 9.38 -7.83
CA ASP A 50 -3.96 9.65 -8.03
C ASP A 50 -4.53 10.76 -7.14
N GLY A 51 -3.67 11.51 -6.46
CA GLY A 51 -4.11 12.63 -5.65
C GLY A 51 -4.32 12.32 -4.18
N PHE A 52 -4.08 11.08 -3.76
CA PHE A 52 -4.25 10.72 -2.35
C PHE A 52 -2.94 10.93 -1.60
N THR A 53 -2.63 12.20 -1.40
CA THR A 53 -1.35 12.65 -0.86
C THR A 53 -1.33 12.80 0.66
N TYR A 54 -0.12 12.73 1.24
CA TYR A 54 0.06 12.73 2.70
C TYR A 54 0.81 13.97 3.20
N ILE A 55 0.96 14.95 2.33
CA ILE A 55 1.56 16.21 2.67
C ILE A 55 0.88 17.26 1.81
N GLY A 56 0.94 18.52 2.22
CA GLY A 56 0.36 19.61 1.45
C GLY A 56 -1.09 19.86 1.84
N PRO A 57 -1.84 20.53 0.95
CA PRO A 57 -3.20 20.96 1.27
C PRO A 57 -4.16 19.86 1.68
N ARG A 58 -4.04 18.68 1.09
CA ARG A 58 -4.93 17.57 1.48
C ARG A 58 -4.83 17.30 3.00
N PHE A 59 -3.60 17.28 3.51
CA PHE A 59 -3.31 17.11 4.93
C PHE A 59 -3.70 18.35 5.73
N GLU A 60 -3.34 19.53 5.22
CA GLU A 60 -3.55 20.79 5.93
C GLU A 60 -5.03 21.08 6.12
N THR A 61 -5.82 20.77 5.11
CA THR A 61 -7.26 21.04 5.13
C THR A 61 -7.95 20.14 6.15
N ALA A 62 -7.55 18.88 6.18
CA ALA A 62 -8.18 17.90 7.07
C ALA A 62 -7.77 18.02 8.54
N PHE A 63 -6.55 18.49 8.84
CA PHE A 63 -6.06 18.51 10.23
C PHE A 63 -5.46 19.86 10.68
N PRO A 64 -6.19 20.96 10.47
CA PRO A 64 -5.63 22.26 10.84
C PRO A 64 -5.39 22.37 12.36
N ASP A 65 -6.30 21.81 13.15
CA ASP A 65 -6.16 21.78 14.60
C ASP A 65 -4.91 21.03 15.06
N PHE A 66 -4.72 19.80 14.55
CA PHE A 66 -3.58 18.98 14.96
C PHE A 66 -2.24 19.58 14.51
N ILE A 67 -2.22 20.15 13.31
CA ILE A 67 -1.02 20.80 12.79
C ILE A 67 -0.68 22.03 13.64
N ALA A 68 -1.70 22.81 13.98
CA ALA A 68 -1.45 24.04 14.75
C ALA A 68 -0.88 23.69 16.12
N LYS A 69 -1.32 22.57 16.68
CA LYS A 69 -0.85 22.16 17.99
C LYS A 69 0.53 21.49 17.97
N TYR A 70 0.81 20.61 17.02
CA TYR A 70 2.04 19.83 17.07
C TYR A 70 3.07 20.15 15.98
N GLN A 71 2.75 21.06 15.05
CA GLN A 71 3.65 21.45 13.97
C GLN A 71 4.04 20.26 13.09
N PHE A 72 3.08 19.34 12.84
CA PHE A 72 3.32 18.20 11.93
C PHE A 72 3.59 18.68 10.53
N LEU A 73 4.57 18.06 9.88
CA LEU A 73 4.88 18.38 8.50
C LEU A 73 3.97 17.61 7.55
N ASP A 74 3.69 16.36 7.89
CA ASP A 74 2.94 15.50 7.00
C ASP A 74 2.12 14.45 7.75
N MET A 75 1.26 13.80 7.00
CA MET A 75 0.22 12.97 7.57
C MET A 75 0.78 11.62 8.04
N LEU A 76 1.87 11.17 7.44
CA LEU A 76 2.49 9.92 7.87
C LEU A 76 3.10 10.10 9.23
N GLN A 77 3.83 11.20 9.40
CA GLN A 77 4.38 11.55 10.68
C GLN A 77 3.27 11.63 11.72
N ALA A 78 2.20 12.34 11.39
CA ALA A 78 1.09 12.49 12.31
C ALA A 78 0.49 11.14 12.71
N SER A 79 0.30 10.25 11.75
CA SER A 79 -0.33 8.97 12.00
C SER A 79 0.49 8.02 12.90
N LEU A 80 1.79 8.29 13.04
CA LEU A 80 2.70 7.51 13.89
C LEU A 80 2.98 8.16 15.24
N PHE A 81 2.54 9.41 15.41
CA PHE A 81 2.82 10.17 16.60
C PHE A 81 2.26 9.53 17.85
N ASP A 82 3.01 9.58 18.94
CA ASP A 82 2.52 9.12 20.22
C ASP A 82 1.75 10.25 20.87
N PHE A 83 0.43 10.20 20.75
CA PHE A 83 -0.42 11.26 21.28
C PHE A 83 -0.47 11.20 22.80
N GLU A 84 -0.88 12.30 23.41
CA GLU A 84 -0.85 12.41 24.88
C GLU A 84 -1.73 11.32 25.50
N ASP A 85 -2.97 11.20 25.04
CA ASP A 85 -3.82 10.12 25.50
C ASP A 85 -4.63 9.48 24.38
N TRP A 86 -5.33 8.42 24.73
CA TRP A 86 -6.17 7.68 23.80
C TRP A 86 -7.34 8.50 23.28
N GLN A 87 -7.78 9.51 24.03
CA GLN A 87 -8.84 10.38 23.55
C GLN A 87 -8.38 11.23 22.36
N GLU A 88 -7.13 11.67 22.39
CA GLU A 88 -6.52 12.42 21.31
C GLU A 88 -6.14 11.48 20.15
N TYR A 89 -5.56 10.33 20.46
CA TYR A 89 -5.24 9.34 19.46
C TYR A 89 -6.44 9.05 18.57
N TRP A 90 -7.59 8.79 19.18
CA TRP A 90 -8.78 8.40 18.43
C TRP A 90 -9.45 9.58 17.74
N ALA A 91 -9.21 10.79 18.26
CA ALA A 91 -9.70 11.97 17.58
C ALA A 91 -8.96 12.12 16.27
N PHE A 92 -7.65 11.90 16.29
CA PHE A 92 -6.88 11.95 15.06
C PHE A 92 -7.19 10.78 14.11
N GLN A 93 -7.16 9.57 14.63
CA GLN A 93 -7.23 8.38 13.78
C GLN A 93 -8.59 8.20 13.14
N SER A 94 -9.66 8.59 13.85
CA SER A 94 -10.98 8.46 13.29
C SER A 94 -11.08 9.34 12.03
N ARG A 95 -10.59 10.57 12.14
CA ARG A 95 -10.57 11.46 11.00
C ARG A 95 -9.64 10.97 9.89
N PHE A 96 -8.50 10.41 10.29
CA PHE A 96 -7.56 9.79 9.35
C PHE A 96 -8.19 8.61 8.60
N VAL A 97 -8.89 7.74 9.32
CA VAL A 97 -9.59 6.61 8.69
C VAL A 97 -10.69 7.05 7.72
N ALA A 98 -11.41 8.12 8.05
CA ALA A 98 -12.41 8.67 7.16
C ALA A 98 -11.79 9.16 5.84
N LEU A 99 -10.74 9.94 5.96
CA LEU A 99 -10.10 10.54 4.80
C LEU A 99 -9.49 9.49 3.88
N ASN A 100 -8.84 8.48 4.45
CA ASN A 100 -8.05 7.54 3.65
C ASN A 100 -8.62 6.15 3.49
N TYR A 101 -9.79 5.92 4.07
CA TYR A 101 -10.38 4.58 4.03
C TYR A 101 -11.87 4.58 3.76
N LEU A 102 -12.64 5.33 4.55
CA LEU A 102 -14.09 5.29 4.40
C LEU A 102 -14.55 6.12 3.21
N ASP A 103 -14.00 7.32 3.06
CA ASP A 103 -14.49 8.26 2.05
C ASP A 103 -13.54 8.52 0.87
N GLN A 104 -12.39 7.86 0.83
CA GLN A 104 -11.45 8.07 -0.28
C GLN A 104 -12.02 7.48 -1.58
N PRO A 105 -12.20 8.32 -2.64
CA PRO A 105 -12.80 7.83 -3.89
C PRO A 105 -11.85 6.98 -4.72
N VAL A 106 -12.39 6.30 -5.71
CA VAL A 106 -11.57 5.43 -6.58
C VAL A 106 -10.52 6.25 -7.31
N GLY A 107 -9.34 5.66 -7.48
CA GLY A 107 -8.27 6.31 -8.25
C GLY A 107 -8.21 5.71 -9.64
N GLN A 108 -8.15 6.58 -10.65
CA GLN A 108 -8.12 6.16 -12.05
C GLN A 108 -6.95 5.21 -12.38
N SER A 109 -5.79 5.41 -11.78
CA SER A 109 -4.63 4.55 -12.05
CA SER A 109 -4.63 4.55 -12.05
C SER A 109 -4.84 3.12 -11.56
N TYR A 110 -5.67 2.98 -10.53
CA TYR A 110 -6.03 1.64 -10.01
C TYR A 110 -6.96 0.92 -10.98
N LEU A 111 -7.87 1.68 -11.58
CA LEU A 111 -8.74 1.17 -12.65
C LEU A 111 -7.92 0.79 -13.89
N ASP A 112 -7.03 1.67 -14.33
CA ASP A 112 -6.19 1.40 -15.50
C ASP A 112 -5.35 0.15 -15.32
N LEU A 113 -4.71 0.04 -14.15
CA LEU A 113 -3.89 -1.14 -13.83
C LEU A 113 -4.70 -2.42 -13.86
N LYS A 114 -5.91 -2.36 -13.31
CA LYS A 114 -6.81 -3.51 -13.30
C LYS A 114 -7.17 -4.02 -14.70
N GLU A 115 -7.42 -3.09 -15.64
CA GLU A 115 -7.72 -3.46 -17.02
C GLU A 115 -6.53 -4.20 -17.65
N ILE A 116 -5.32 -3.75 -17.37
CA ILE A 116 -4.13 -4.43 -17.89
C ILE A 116 -3.97 -5.83 -17.29
N LEU A 117 -4.11 -5.93 -15.99
CA LEU A 117 -3.86 -7.18 -15.27
C LEU A 117 -4.87 -8.29 -15.54
N GLU A 118 -6.06 -7.93 -16.01
CA GLU A 118 -7.14 -8.90 -16.27
C GLU A 118 -6.69 -10.11 -17.12
N THR A 119 -5.84 -9.86 -18.11
CA THR A 119 -5.37 -10.90 -19.01
C THR A 119 -4.03 -11.52 -18.61
N LYS A 120 -3.53 -11.23 -17.41
CA LYS A 120 -2.26 -11.79 -16.95
C LYS A 120 -2.47 -12.65 -15.70
N ASP A 121 -1.56 -13.58 -15.47
CA ASP A 121 -1.47 -14.27 -14.19
C ASP A 121 -0.64 -13.39 -13.27
N TYR A 122 -1.23 -12.93 -12.19
CA TYR A 122 -0.54 -11.97 -11.35
C TYR A 122 -0.91 -12.11 -9.90
N HIS A 123 -0.09 -11.51 -9.06
CA HIS A 123 -0.45 -11.34 -7.68
C HIS A 123 0.05 -9.99 -7.20
N ILE A 124 -0.70 -9.31 -6.35
CA ILE A 124 -0.27 -8.02 -5.81
C ILE A 124 0.16 -8.13 -4.34
N ILE A 125 1.31 -7.56 -4.02
CA ILE A 125 1.67 -7.26 -2.66
C ILE A 125 1.74 -5.72 -2.50
N THR A 126 1.16 -5.22 -1.43
CA THR A 126 1.09 -3.77 -1.22
C THR A 126 1.43 -3.42 0.22
N THR A 127 2.15 -2.32 0.39
CA THR A 127 2.42 -1.76 1.70
C THR A 127 1.37 -0.68 2.03
N ASN A 128 0.50 -0.38 1.07
CA ASN A 128 -0.58 0.59 1.31
C ASN A 128 -1.67 0.01 2.19
N ALA A 129 -2.25 0.88 3.01
CA ALA A 129 -3.28 0.44 3.92
C ALA A 129 -4.61 1.15 3.67
N ASP A 130 -4.70 1.92 2.59
CA ASP A 130 -5.95 2.63 2.24
C ASP A 130 -6.95 1.70 1.53
N ASN A 131 -8.06 2.27 1.04
CA ASN A 131 -9.15 1.52 0.43
C ASN A 131 -9.03 1.31 -1.10
N ALA A 132 -7.88 1.71 -1.68
CA ALA A 132 -7.77 1.91 -3.13
C ALA A 132 -8.12 0.69 -3.96
N PHE A 133 -7.72 -0.49 -3.50
CA PHE A 133 -8.01 -1.72 -4.23
C PHE A 133 -9.48 -2.14 -4.12
N TRP A 134 -10.13 -1.81 -3.01
CA TRP A 134 -11.52 -2.22 -2.81
C TRP A 134 -12.48 -1.38 -3.64
N VAL A 135 -12.32 -0.05 -3.60
CA VAL A 135 -13.17 0.82 -4.40
C VAL A 135 -12.92 0.64 -5.91
N ALA A 136 -11.73 0.17 -6.29
CA ALA A 136 -11.46 -0.20 -7.68
C ALA A 136 -11.93 -1.62 -8.06
N GLY A 137 -12.48 -2.36 -7.11
CA GLY A 137 -13.07 -3.68 -7.40
C GLY A 137 -12.08 -4.78 -7.73
N TYR A 138 -10.90 -4.79 -7.10
CA TYR A 138 -9.98 -5.92 -7.26
C TYR A 138 -10.48 -7.12 -6.45
N ASP A 139 -10.16 -8.31 -6.92
CA ASP A 139 -10.47 -9.52 -6.18
C ASP A 139 -9.55 -9.58 -4.94
N PRO A 140 -10.12 -9.65 -3.73
CA PRO A 140 -9.28 -9.70 -2.52
C PRO A 140 -8.27 -10.84 -2.49
N HIS A 141 -8.59 -11.97 -3.13
CA HIS A 141 -7.70 -13.12 -3.14
C HIS A 141 -6.40 -12.88 -3.93
N ASN A 142 -6.33 -11.81 -4.72
CA ASN A 142 -5.15 -11.51 -5.51
C ASN A 142 -4.21 -10.48 -4.87
N ILE A 143 -4.57 -10.00 -3.68
CA ILE A 143 -3.86 -8.89 -3.03
C ILE A 143 -3.43 -9.24 -1.61
N PHE A 144 -2.17 -8.97 -1.29
CA PHE A 144 -1.62 -9.22 0.04
C PHE A 144 -1.31 -7.87 0.69
N HIS A 145 -2.07 -7.49 1.71
CA HIS A 145 -1.87 -6.25 2.48
C HIS A 145 -0.93 -6.50 3.63
N ILE A 146 0.36 -6.48 3.34
CA ILE A 146 1.36 -6.87 4.29
C ILE A 146 1.50 -5.88 5.47
N GLN A 147 1.07 -4.62 5.28
CA GLN A 147 1.06 -3.61 6.36
C GLN A 147 -0.31 -3.38 7.02
N GLY A 148 -1.23 -4.32 6.84
CA GLY A 148 -2.57 -4.15 7.38
C GLY A 148 -3.45 -3.16 6.61
N GLU A 149 -4.54 -2.75 7.25
CA GLU A 149 -5.50 -1.83 6.65
C GLU A 149 -6.07 -0.88 7.69
N TYR A 150 -6.32 0.35 7.30
CA TYR A 150 -6.73 1.38 8.25
C TYR A 150 -8.13 1.13 8.80
N GLY A 151 -8.93 0.39 8.07
CA GLY A 151 -10.28 0.04 8.48
C GLY A 151 -10.33 -1.04 9.55
N LEU A 152 -9.18 -1.62 9.90
CA LEU A 152 -9.15 -2.64 10.93
C LEU A 152 -8.49 -2.17 12.22
N TRP A 153 -8.87 -2.80 13.33
CA TRP A 153 -8.34 -2.51 14.66
C TRP A 153 -7.65 -3.71 15.22
N GLN A 154 -6.74 -3.45 16.17
CA GLN A 154 -6.03 -4.50 16.90
C GLN A 154 -5.90 -4.07 18.34
N CYS A 155 -5.68 -5.03 19.23
CA CYS A 155 -5.44 -4.75 20.63
C CYS A 155 -4.14 -3.99 20.74
N SER A 156 -4.13 -2.90 21.52
CA SER A 156 -2.92 -2.10 21.68
C SER A 156 -1.81 -2.87 22.39
N GLN A 157 -2.19 -3.94 23.08
CA GLN A 157 -1.22 -4.84 23.73
C GLN A 157 -0.95 -6.08 22.91
N HIS A 158 -1.60 -6.20 21.75
CA HIS A 158 -1.41 -7.35 20.86
C HIS A 158 -1.64 -8.66 21.63
N CYS A 159 -2.63 -8.67 22.52
CA CYS A 159 -2.81 -9.80 23.44
C CYS A 159 -3.31 -11.05 22.73
N HIS A 160 -3.95 -10.89 21.57
CA HIS A 160 -4.37 -12.02 20.76
C HIS A 160 -4.42 -11.62 19.28
N GLN A 161 -4.25 -12.62 18.40
CA GLN A 161 -4.11 -12.37 16.96
C GLN A 161 -5.47 -12.34 16.25
N GLN A 162 -6.25 -11.30 16.54
CA GLN A 162 -7.53 -11.07 15.88
C GLN A 162 -7.73 -9.58 15.60
N THR A 163 -8.20 -9.24 14.40
CA THR A 163 -8.53 -7.87 14.05
C THR A 163 -10.03 -7.67 14.12
N TYR A 164 -10.42 -6.42 14.31
CA TYR A 164 -11.81 -6.04 14.50
C TYR A 164 -12.11 -4.83 13.65
N LYS A 165 -13.37 -4.60 13.35
CA LYS A 165 -13.76 -3.38 12.68
C LYS A 165 -15.15 -2.88 13.07
N ASP A 166 -15.33 -1.56 13.02
CA ASP A 166 -16.60 -0.92 13.28
C ASP A 166 -16.60 0.50 12.70
N ASP A 167 -17.05 0.63 11.45
CA ASP A 167 -17.06 1.93 10.77
C ASP A 167 -18.04 2.90 11.42
N THR A 168 -19.11 2.38 12.01
CA THR A 168 -20.08 3.21 12.74
C THR A 168 -19.43 3.98 13.89
N VAL A 169 -18.53 3.32 14.62
CA VAL A 169 -17.84 3.96 15.72
C VAL A 169 -16.87 5.04 15.24
N ILE A 170 -16.18 4.76 14.15
CA ILE A 170 -15.33 5.75 13.49
C ILE A 170 -16.15 7.01 13.19
N ARG A 171 -17.34 6.85 12.62
CA ARG A 171 -18.19 8.02 12.30
C ARG A 171 -18.60 8.76 13.56
N GLN A 172 -18.96 8.02 14.61
CA GLN A 172 -19.33 8.64 15.89
C GLN A 172 -18.21 9.45 16.53
N MET A 173 -17.00 8.94 16.40
CA MET A 173 -15.82 9.62 16.89
C MET A 173 -15.55 10.92 16.16
N ILE A 174 -15.79 10.92 14.85
CA ILE A 174 -15.66 12.14 14.06
C ILE A 174 -16.70 13.17 14.50
N ALA A 175 -17.96 12.71 14.56
CA ALA A 175 -19.08 13.56 14.94
C ALA A 175 -18.99 14.09 16.37
N GLU A 176 -18.61 13.23 17.32
CA GLU A 176 -18.66 13.58 18.75
C GLU A 176 -17.40 14.24 19.31
N GLN A 177 -16.25 14.12 18.65
CA GLN A 177 -15.04 14.75 19.18
C GLN A 177 -15.15 16.26 19.24
N LYS A 178 -14.44 16.84 20.21
CA LYS A 178 -14.37 18.27 20.38
C LYS A 178 -13.00 18.61 20.87
N ASN A 179 -12.45 19.68 20.33
CA ASN A 179 -11.15 20.19 20.76
C ASN A 179 -10.13 19.03 20.79
N MET A 180 -10.09 18.28 19.69
CA MET A 180 -9.16 17.17 19.50
C MET A 180 -9.23 16.03 20.52
N LYS A 181 -10.40 15.82 21.12
CA LYS A 181 -10.62 14.68 22.01
C LYS A 181 -11.96 14.00 21.74
N VAL A 182 -11.93 12.68 21.62
CA VAL A 182 -13.14 11.86 21.59
CA VAL A 182 -13.15 11.90 21.59
C VAL A 182 -13.65 11.74 23.03
N PRO A 183 -14.98 11.69 23.23
CA PRO A 183 -15.44 11.43 24.59
C PRO A 183 -14.92 10.07 25.07
N GLY A 184 -14.58 9.98 26.35
CA GLY A 184 -14.08 8.74 26.95
C GLY A 184 -14.88 7.48 26.60
N GLN A 185 -16.20 7.56 26.70
CA GLN A 185 -17.03 6.37 26.53
C GLN A 185 -17.03 5.78 25.11
N LEU A 186 -16.53 6.54 24.14
CA LEU A 186 -16.46 6.07 22.76
C LEU A 186 -15.18 5.32 22.42
N ILE A 187 -14.14 5.43 23.26
CA ILE A 187 -12.91 4.68 23.03
C ILE A 187 -13.22 3.18 23.10
N PRO A 188 -13.00 2.44 22.00
CA PRO A 188 -13.26 1.01 22.04
C PRO A 188 -12.15 0.24 22.72
N HIS A 189 -12.52 -0.85 23.39
CA HIS A 189 -11.56 -1.66 24.16
C HIS A 189 -11.54 -3.13 23.75
N CYS A 190 -10.35 -3.71 23.80
CA CYS A 190 -10.14 -5.14 23.54
C CYS A 190 -10.99 -5.96 24.49
N PRO A 191 -11.84 -6.86 23.95
CA PRO A 191 -12.70 -7.66 24.82
C PRO A 191 -11.97 -8.74 25.63
N GLU A 192 -10.71 -9.03 25.33
CA GLU A 192 -9.94 -10.03 26.05
C GLU A 192 -9.18 -9.43 27.24
N CYS A 193 -8.58 -8.26 27.04
CA CYS A 193 -7.68 -7.71 28.04
C CYS A 193 -8.08 -6.30 28.52
N GLU A 194 -9.09 -5.72 27.88
CA GLU A 194 -9.60 -4.38 28.21
C GLU A 194 -8.67 -3.21 27.87
N ALA A 195 -7.54 -3.47 27.21
CA ALA A 195 -6.70 -2.39 26.72
C ALA A 195 -7.43 -1.71 25.54
N PRO A 196 -7.15 -0.43 25.27
CA PRO A 196 -7.82 0.19 24.13
C PRO A 196 -7.45 -0.44 22.78
N PHE A 197 -8.41 -0.51 21.86
CA PHE A 197 -8.06 -0.82 20.47
C PHE A 197 -7.18 0.30 19.92
N GLU A 198 -6.33 -0.06 18.97
CA GLU A 198 -5.60 0.89 18.13
C GLU A 198 -5.77 0.43 16.67
N ILE A 199 -5.32 1.25 15.72
CA ILE A 199 -5.42 0.90 14.31
C ILE A 199 -4.47 -0.26 14.03
N ASN A 200 -4.90 -1.16 13.16
CA ASN A 200 -4.09 -2.30 12.72
C ASN A 200 -2.91 -1.79 11.87
N LYS A 201 -1.80 -1.46 12.53
CA LYS A 201 -0.61 -0.96 11.85
CA LYS A 201 -0.61 -0.92 11.89
C LYS A 201 0.63 -1.69 12.34
N ARG A 202 1.63 -1.80 11.47
CA ARG A 202 2.87 -2.48 11.83
C ARG A 202 3.88 -1.49 12.42
N ASN A 203 4.63 -1.98 13.39
CA ASN A 203 5.56 -1.18 14.15
C ASN A 203 6.86 -1.98 14.31
N GLU A 204 8.01 -1.33 14.19
CA GLU A 204 9.28 -2.05 14.27
C GLU A 204 9.46 -2.74 15.63
N GLU A 205 9.05 -2.08 16.70
CA GLU A 205 9.24 -2.62 18.05
C GLU A 205 8.19 -3.68 18.40
N LYS A 206 6.92 -3.39 18.16
CA LYS A 206 5.82 -4.28 18.53
C LYS A 206 5.36 -5.26 17.43
N GLY A 207 5.73 -4.98 16.18
CA GLY A 207 5.23 -5.76 15.05
C GLY A 207 3.79 -5.37 14.72
N MET A 208 2.97 -6.36 14.39
CA MET A 208 1.59 -6.13 14.00
C MET A 208 0.81 -7.38 14.38
N VAL A 209 -0.44 -7.22 14.77
CA VAL A 209 -1.33 -8.33 14.92
C VAL A 209 -1.60 -8.90 13.52
N GLU A 210 -1.42 -10.20 13.40
CA GLU A 210 -1.47 -10.91 12.15
C GLU A 210 -2.45 -12.06 12.32
N ASP A 211 -3.70 -11.85 11.90
CA ASP A 211 -4.77 -12.81 12.19
C ASP A 211 -4.93 -13.84 11.07
N ALA A 212 -5.98 -14.65 11.15
CA ALA A 212 -6.22 -15.71 10.19
C ALA A 212 -6.34 -15.20 8.74
N ASP A 213 -7.03 -14.09 8.53
CA ASP A 213 -7.10 -13.50 7.19
C ASP A 213 -5.72 -13.08 6.66
N PHE A 214 -4.91 -12.44 7.51
CA PHE A 214 -3.56 -12.02 7.13
C PHE A 214 -2.72 -13.22 6.68
N HIS A 215 -2.80 -14.32 7.44
CA HIS A 215 -2.03 -15.50 7.11
C HIS A 215 -2.54 -16.19 5.86
N ALA A 216 -3.84 -16.08 5.58
CA ALA A 216 -4.40 -16.62 4.34
C ALA A 216 -3.91 -15.82 3.11
N GLN A 217 -3.82 -14.50 3.24
CA GLN A 217 -3.29 -13.68 2.16
C GLN A 217 -1.83 -14.03 1.93
N LYS A 218 -1.08 -14.16 3.02
CA LYS A 218 0.35 -14.43 2.95
C LYS A 218 0.62 -15.76 2.25
N ALA A 219 -0.14 -16.78 2.63
CA ALA A 219 -0.03 -18.10 2.01
C ALA A 219 -0.37 -18.06 0.52
N ARG A 220 -1.42 -17.34 0.16
CA ARG A 220 -1.76 -17.17 -1.25
C ARG A 220 -0.61 -16.51 -2.02
N TYR A 221 -0.02 -15.46 -1.43
CA TYR A 221 1.11 -14.78 -2.06
C TYR A 221 2.30 -15.71 -2.20
N GLU A 222 2.60 -16.43 -1.13
CA GLU A 222 3.71 -17.38 -1.11
C GLU A 222 3.50 -18.53 -2.09
N ALA A 223 2.26 -18.98 -2.26
CA ALA A 223 1.93 -20.02 -3.25
C ALA A 223 2.19 -19.53 -4.68
N PHE A 224 1.70 -18.34 -4.98
CA PHE A 224 1.98 -17.73 -6.28
C PHE A 224 3.49 -17.64 -6.56
N LEU A 225 4.27 -17.15 -5.58
CA LEU A 225 5.73 -17.12 -5.76
C LEU A 225 6.35 -18.50 -5.95
N SER A 226 5.84 -19.52 -5.27
CA SER A 226 6.37 -20.88 -5.43
CA SER A 226 6.37 -20.88 -5.43
CA SER A 226 6.35 -20.89 -5.42
C SER A 226 6.12 -21.40 -6.83
N GLU A 227 4.99 -21.00 -7.43
CA GLU A 227 4.67 -21.41 -8.80
C GLU A 227 5.47 -20.67 -9.86
N HIS A 228 6.06 -19.52 -9.54
CA HIS A 228 6.75 -18.75 -10.53
C HIS A 228 8.19 -18.45 -10.13
N LYS A 229 8.88 -19.49 -9.71
CA LYS A 229 10.30 -19.40 -9.39
C LYS A 229 11.15 -19.37 -10.64
N GLU A 230 10.57 -19.85 -11.74
CA GLU A 230 11.25 -19.93 -13.02
C GLU A 230 10.45 -19.18 -14.10
N GLY A 231 11.12 -18.88 -15.20
CA GLY A 231 10.47 -18.26 -16.35
C GLY A 231 10.51 -16.74 -16.37
N LYS A 232 9.78 -16.19 -17.33
CA LYS A 232 9.77 -14.77 -17.57
C LYS A 232 8.78 -14.08 -16.65
N VAL A 233 9.24 -13.89 -15.41
CA VAL A 233 8.43 -13.30 -14.38
C VAL A 233 8.82 -11.84 -14.29
N LEU A 234 7.82 -10.97 -14.31
CA LEU A 234 8.03 -9.55 -14.25
C LEU A 234 7.70 -9.10 -12.84
N TYR A 235 8.72 -8.57 -12.16
CA TYR A 235 8.55 -7.99 -10.83
C TYR A 235 8.39 -6.51 -11.03
N LEU A 236 7.15 -6.04 -10.90
CA LEU A 236 6.78 -4.68 -11.23
C LEU A 236 6.52 -3.91 -9.93
N GLU A 237 7.43 -2.99 -9.63
CA GLU A 237 7.42 -2.23 -8.40
C GLU A 237 6.93 -0.81 -8.68
N ILE A 238 5.81 -0.42 -8.10
CA ILE A 238 5.18 0.85 -8.47
C ILE A 238 5.10 1.77 -7.28
N GLY A 239 5.83 2.88 -7.33
CA GLY A 239 5.75 3.90 -6.28
C GLY A 239 6.23 3.43 -4.92
N VAL A 240 7.30 2.65 -4.94
CA VAL A 240 7.89 2.12 -3.71
C VAL A 240 9.20 2.83 -3.46
N GLY A 241 9.36 3.38 -2.27
CA GLY A 241 10.56 4.14 -1.91
C GLY A 241 11.40 3.53 -0.82
N HIS A 242 11.89 4.39 0.09
CA HIS A 242 12.85 4.01 1.12
C HIS A 242 12.29 4.04 2.54
N THR A 243 11.01 4.37 2.71
CA THR A 243 10.43 4.31 4.03
C THR A 243 10.47 2.88 4.64
N THR A 244 10.12 1.84 3.89
CA THR A 244 10.14 0.45 4.42
C THR A 244 10.51 -0.54 3.32
N PRO A 245 11.73 -0.45 2.81
CA PRO A 245 12.12 -1.26 1.65
C PRO A 245 12.19 -2.77 1.91
N GLN A 246 12.22 -3.17 3.17
CA GLN A 246 12.25 -4.57 3.53
C GLN A 246 11.01 -5.37 3.12
N PHE A 247 9.90 -4.70 2.80
CA PHE A 247 8.67 -5.42 2.46
C PHE A 247 8.50 -5.76 1.00
N ILE A 248 8.78 -4.83 0.11
CA ILE A 248 8.63 -5.07 -1.33
C ILE A 248 9.97 -4.97 -2.05
N LYS A 249 10.62 -3.81 -1.94
CA LYS A 249 11.84 -3.53 -2.71
C LYS A 249 12.93 -4.60 -2.57
N HIS A 250 13.38 -4.88 -1.35
CA HIS A 250 14.50 -5.83 -1.17
C HIS A 250 14.15 -7.26 -1.57
N PRO A 251 12.96 -7.76 -1.13
CA PRO A 251 12.52 -9.08 -1.56
C PRO A 251 12.41 -9.25 -3.09
N PHE A 252 11.92 -8.23 -3.79
CA PHE A 252 11.87 -8.24 -5.26
C PHE A 252 13.29 -8.31 -5.86
N TRP A 253 14.22 -7.53 -5.33
CA TRP A 253 15.61 -7.59 -5.79
C TRP A 253 16.17 -9.00 -5.68
N LYS A 254 15.83 -9.67 -4.60
CA LYS A 254 16.33 -11.00 -4.35
C LYS A 254 15.71 -12.05 -5.25
N ARG A 255 14.40 -11.95 -5.46
CA ARG A 255 13.73 -12.80 -6.43
C ARG A 255 14.36 -12.72 -7.82
N VAL A 256 14.67 -11.50 -8.27
CA VAL A 256 15.17 -11.29 -9.61
C VAL A 256 16.59 -11.84 -9.72
N SER A 257 17.40 -11.63 -8.68
CA SER A 257 18.73 -12.22 -8.63
C SER A 257 18.65 -13.76 -8.72
N GLU A 258 17.67 -14.36 -8.04
CA GLU A 258 17.53 -15.82 -7.99
C GLU A 258 17.03 -16.46 -9.29
N ASN A 259 16.37 -15.67 -10.15
CA ASN A 259 15.82 -16.16 -11.42
C ASN A 259 16.37 -15.32 -12.58
N PRO A 260 17.38 -15.84 -13.30
CA PRO A 260 18.04 -15.11 -14.39
C PRO A 260 17.11 -14.65 -15.51
N ASN A 261 15.96 -15.30 -15.63
CA ASN A 261 14.96 -14.96 -16.62
C ASN A 261 13.92 -13.95 -16.16
N ALA A 262 13.96 -13.57 -14.89
CA ALA A 262 13.05 -12.55 -14.34
C ALA A 262 13.49 -11.15 -14.73
N LEU A 263 12.58 -10.18 -14.65
CA LEU A 263 12.96 -8.78 -14.79
C LEU A 263 12.44 -7.95 -13.63
N PHE A 264 13.21 -6.90 -13.29
CA PHE A 264 12.81 -5.91 -12.30
C PHE A 264 12.52 -4.60 -13.00
N VAL A 265 11.27 -4.16 -12.91
CA VAL A 265 10.88 -2.91 -13.51
C VAL A 265 10.26 -2.08 -12.40
N THR A 266 10.81 -0.89 -12.22
CA THR A 266 10.32 0.00 -11.17
C THR A 266 9.77 1.28 -11.84
N LEU A 267 8.57 1.64 -11.44
CA LEU A 267 7.94 2.87 -11.89
C LEU A 267 8.13 3.82 -10.72
N ASN A 268 9.05 4.76 -10.88
CA ASN A 268 9.38 5.70 -9.82
C ASN A 268 10.04 6.93 -10.44
N HIS A 269 9.58 8.13 -10.10
CA HIS A 269 10.22 9.32 -10.68
C HIS A 269 11.55 9.68 -10.00
N LYS A 270 11.93 8.92 -8.97
CA LYS A 270 13.26 8.98 -8.35
C LYS A 270 14.05 7.69 -8.60
N HIS A 271 15.37 7.84 -8.68
CA HIS A 271 16.27 6.72 -8.99
CA HIS A 271 16.27 6.73 -8.99
CA HIS A 271 16.27 6.73 -8.99
C HIS A 271 16.85 6.13 -7.70
N TYR A 272 16.55 4.85 -7.45
CA TYR A 272 17.10 4.11 -6.30
C TYR A 272 18.11 3.09 -6.84
N ARG A 273 19.32 3.10 -6.29
CA ARG A 273 20.39 2.29 -6.86
C ARG A 273 20.11 0.80 -6.74
N ILE A 274 20.18 0.14 -7.87
CA ILE A 274 19.89 -1.28 -7.98
C ILE A 274 21.17 -2.11 -7.77
N PRO A 275 21.06 -3.22 -7.01
CA PRO A 275 22.25 -4.05 -6.78
C PRO A 275 22.87 -4.68 -8.04
N LEU A 276 24.18 -4.90 -7.94
CA LEU A 276 24.99 -5.42 -9.02
C LEU A 276 24.43 -6.69 -9.62
N SER A 277 23.98 -7.61 -8.78
CA SER A 277 23.44 -8.90 -9.23
C SER A 277 22.34 -8.77 -10.30
N ILE A 278 21.55 -7.70 -10.25
CA ILE A 278 20.41 -7.58 -11.17
C ILE A 278 20.50 -6.39 -12.13
N ARG A 279 21.68 -5.80 -12.25
CA ARG A 279 21.88 -4.65 -13.13
C ARG A 279 21.39 -4.94 -14.57
N ARG A 280 21.61 -6.14 -15.08
CA ARG A 280 21.19 -6.46 -16.43
C ARG A 280 19.74 -6.91 -16.55
N GLN A 281 19.02 -6.97 -15.43
CA GLN A 281 17.63 -7.44 -15.45
C GLN A 281 16.67 -6.34 -14.99
N SER A 282 17.14 -5.09 -15.02
CA SER A 282 16.38 -4.00 -14.43
C SER A 282 16.04 -2.91 -15.45
N LEU A 283 14.87 -2.30 -15.27
CA LEU A 283 14.46 -1.13 -16.04
C LEU A 283 13.82 -0.16 -15.07
N GLU A 284 14.14 1.11 -15.21
CA GLU A 284 13.55 2.13 -14.38
C GLU A 284 12.78 3.08 -15.29
N LEU A 285 11.50 3.26 -14.98
CA LEU A 285 10.64 4.15 -15.77
C LEU A 285 10.24 5.32 -14.88
N THR A 286 10.62 6.53 -15.29
CA THR A 286 10.52 7.71 -14.45
C THR A 286 9.28 8.56 -14.64
N GLU A 287 8.49 8.31 -15.67
CA GLU A 287 7.30 9.14 -15.93
C GLU A 287 6.26 9.03 -14.82
N HIS A 288 5.55 10.13 -14.59
CA HIS A 288 4.51 10.20 -13.57
C HIS A 288 3.64 8.93 -13.68
N ILE A 289 3.51 8.21 -12.57
CA ILE A 289 2.83 6.90 -12.56
C ILE A 289 1.43 6.93 -13.20
N ALA A 290 0.62 7.92 -12.83
CA ALA A 290 -0.74 8.00 -13.36
C ALA A 290 -0.74 8.08 -14.89
N GLN A 291 0.04 9.01 -15.45
CA GLN A 291 0.14 9.16 -16.90
C GLN A 291 0.78 7.95 -17.56
N LEU A 292 1.78 7.37 -16.92
CA LEU A 292 2.43 6.20 -17.47
C LEU A 292 1.47 5.02 -17.52
N ILE A 293 0.74 4.75 -16.44
CA ILE A 293 -0.16 3.61 -16.41
C ILE A 293 -1.27 3.78 -17.46
N SER A 294 -1.80 4.99 -17.54
CA SER A 294 -2.82 5.34 -18.54
C SER A 294 -2.37 5.11 -20.00
N ALA A 295 -1.18 5.60 -20.35
CA ALA A 295 -0.63 5.42 -21.70
C ALA A 295 -0.29 3.97 -21.98
N THR A 296 0.19 3.25 -20.98
CA THR A 296 0.48 1.82 -21.15
C THR A 296 -0.79 1.03 -21.43
N LYS A 297 -1.87 1.37 -20.72
CA LYS A 297 -3.16 0.73 -20.89
C LYS A 297 -3.63 0.88 -22.34
N THR A 298 -3.61 2.12 -22.82
CA THR A 298 -4.02 2.42 -24.20
C THR A 298 -3.25 1.60 -25.24
N ILE A 299 -1.94 1.48 -25.07
CA ILE A 299 -1.11 0.69 -25.99
C ILE A 299 -1.37 -0.81 -25.84
N TYR A 300 -1.48 -1.27 -24.60
CA TYR A 300 -1.63 -2.69 -24.31
C TYR A 300 -2.94 -3.24 -24.89
N GLN A 301 -4.00 -2.44 -24.81
CA GLN A 301 -5.32 -2.86 -25.26
C GLN A 301 -5.39 -3.12 -26.76
N LYS A 302 -4.56 -2.44 -27.54
CA LYS A 302 -4.59 -2.51 -29.01
C LYS A 302 -3.75 -3.66 -29.58
N GLY B . 6.51 18.43 14.88
CA GLY B . 7.47 17.59 15.64
C GLY B . 6.92 16.20 15.90
O GLY B . 5.71 16.05 16.13
OXT GLY B . 7.64 15.20 15.88
N GLY C . -4.89 7.63 28.20
CA GLY C . -6.35 7.32 28.12
C GLY C . -7.23 8.55 28.21
O GLY C . -7.72 8.86 29.30
OXT GLY C . -7.48 9.25 27.24
N GLY D . -3.14 -15.22 -10.29
CA GLY D . -4.52 -14.66 -10.28
C GLY D . -4.84 -13.86 -11.52
O GLY D . -3.97 -13.55 -12.32
OXT GLY D . -5.99 -13.49 -11.77
ZN ZN E . -6.20 -7.29 24.36
PA NAD F . 7.49 6.08 0.08
O1A NAD F . 6.82 7.36 0.37
O2A NAD F . 8.66 5.56 0.88
O5B NAD F . 7.95 6.11 -1.44
C5B NAD F . 7.03 6.51 -2.45
C4B NAD F . 7.78 6.48 -3.78
O4B NAD F . 6.90 6.79 -4.85
C3B NAD F . 8.91 7.51 -3.79
O3B NAD F . 10.11 6.86 -4.21
C2B NAD F . 8.45 8.57 -4.78
O2B NAD F . 9.53 9.08 -5.55
C1B NAD F . 7.51 7.79 -5.68
N9A NAD F . 6.45 8.59 -6.30
C8A NAD F . 5.56 9.37 -5.67
N7A NAD F . 4.71 9.93 -6.55
C5A NAD F . 5.06 9.48 -7.77
C6A NAD F . 4.59 9.66 -9.17
N6A NAD F . 3.54 10.46 -9.42
N1A NAD F . 5.22 9.01 -10.17
C2A NAD F . 6.27 8.21 -9.93
N3A NAD F . 6.76 8.00 -8.68
C4A NAD F . 6.21 8.59 -7.60
O3 NAD F . 6.31 4.98 0.01
PN NAD F . 6.33 3.42 0.48
O1N NAD F . 7.54 2.71 -0.08
O2N NAD F . 4.97 2.87 0.10
O5D NAD F . 6.43 3.43 2.09
C5D NAD F . 5.49 4.10 2.91
C4D NAD F . 5.32 3.35 4.20
O4D NAD F . 4.41 4.06 5.04
C3D NAD F . 4.68 1.99 3.95
O3D NAD F . 5.27 1.02 4.80
C2D NAD F . 3.20 2.23 4.25
O2D NAD F . 2.69 1.22 5.14
C1D NAD F . 3.06 3.61 4.87
N1N NAD F . 2.24 4.55 4.05
C2N NAD F . 1.08 4.13 3.49
C3N NAD F . 0.28 4.99 2.72
C7N NAD F . -1.01 4.50 2.08
O7N NAD F . -1.64 3.59 2.59
N7N NAD F . -1.45 5.07 0.94
C4N NAD F . 0.72 6.30 2.54
C5N NAD F . 1.90 6.72 3.13
C6N NAD F . 2.66 5.82 3.88
C1 EDO G . -1.67 1.88 16.14
O1 EDO G . -1.05 0.68 15.70
C2 EDO G . -1.18 3.07 15.33
O2 EDO G . -0.65 4.07 16.22
C1 EDO H . -1.10 6.58 22.97
O1 EDO H . -2.23 7.26 23.51
C2 EDO H . -1.20 6.60 21.45
O2 EDO H . -0.42 7.68 20.92
#